data_8CIC
#
_entry.id   8CIC
#
_cell.length_a   39.360
_cell.length_b   179.091
_cell.length_c   140.573
_cell.angle_alpha   90.00
_cell.angle_beta   90.00
_cell.angle_gamma   90.00
#
_symmetry.space_group_name_H-M   'C 2 2 21'
#
loop_
_entity.id
_entity.type
_entity.pdbx_description
1 polymer 'Adenosine receptor A2a,Soluble cytochrome b562'
2 non-polymer 'SODIUM ION'
3 non-polymer 3-[2-azanyl-6-[1-[[6-(2-oxidanylpropan-2-yl)pyridin-2-yl]methyl]-1,2,3-triazol-4-yl]pyrimidin-4-yl]-2-methyl-benzenecarbonitrile
4 non-polymer CHOLESTEROL
5 non-polymer 'OLEIC ACID'
6 non-polymer '(2S)-2,3-dihydroxypropyl (9Z)-octadec-9-enoate'
7 non-polymer '(2R)-2,3-dihydroxypropyl (9Z)-octadec-9-enoate'
8 water water
#
_entity_poly.entity_id   1
_entity_poly.type   'polypeptide(L)'
_entity_poly.pdbx_seq_one_letter_code
;DYKDDDDGAPPIMGSSVYITVELAIAVLAILGNVLVCWAVWLNSNLQNVTNYFVVSLAAADILVGVLAIPFAITISTGFC
AACHGCLFIACFVLVLAQSSIFSLLAIAIDRYIAIAIPLRYNGLVTGTRAAGIIAICWVLSFAIGLTPMLGWNNCGQPKE
GKAHSQGCGEGQVACLFEDVVPMNYMVYFNFFACVLVPLLLMLGVYLRIFAAARRQLADLEDNWETLNDNLKVIEKADNA
AQVKDALTKMRAAALDAQKATPPKLEDKSPDSPEMKDFRHGFDILVGQIDDALKLANEGKVKEAQAAAEQLKTTRNAYIQ
KYLERARSTLQKEVHAAKSAAIIAGLFALCWLPLHIINCFTFFCPDCSHAPLWLMYLAIVLSHTNSVVNPFIYAYRIREF
RQTFRKIIRSHVLRQQEPFKAAAHHHHHHHHHH
;
_entity_poly.pdbx_strand_id   A
#
# COMPACT_ATOMS: atom_id res chain seq x y z
N GLY A 8 42.52 -12.87 8.56
CA GLY A 8 41.33 -12.90 9.38
C GLY A 8 41.30 -11.81 10.43
N ALA A 9 40.84 -10.62 10.04
CA ALA A 9 40.81 -9.48 10.95
C ALA A 9 39.94 -9.81 12.16
N PRO A 10 40.25 -9.24 13.33
CA PRO A 10 39.47 -9.52 14.54
C PRO A 10 37.99 -9.30 14.30
N PRO A 11 37.16 -10.28 14.64
CA PRO A 11 35.72 -10.17 14.31
C PRO A 11 35.04 -8.96 14.94
N ILE A 12 35.51 -8.50 16.10
CA ILE A 12 34.86 -7.38 16.77
C ILE A 12 34.94 -6.10 15.96
N MET A 13 35.85 -6.03 14.98
CA MET A 13 36.00 -4.79 14.21
C MET A 13 34.87 -4.65 13.20
N GLY A 14 34.71 -5.64 12.32
CA GLY A 14 33.57 -5.64 11.42
C GLY A 14 32.25 -5.71 12.16
N SER A 15 32.25 -6.35 13.34
CA SER A 15 31.06 -6.39 14.18
C SER A 15 30.71 -5.02 14.71
N SER A 16 31.72 -4.23 15.09
CA SER A 16 31.49 -2.86 15.56
C SER A 16 30.79 -2.02 14.49
N VAL A 17 31.22 -2.14 13.23
CA VAL A 17 30.59 -1.40 12.15
C VAL A 17 29.14 -1.83 11.98
N TYR A 18 28.91 -3.15 11.93
CA TYR A 18 27.56 -3.67 11.80
C TYR A 18 26.66 -3.18 12.93
N ILE A 19 27.15 -3.27 14.18
CA ILE A 19 26.33 -2.89 15.32
C ILE A 19 26.04 -1.39 15.30
N THR A 20 27.06 -0.58 14.97
CA THR A 20 26.85 0.86 14.93
C THR A 20 25.82 1.25 13.87
N VAL A 21 25.91 0.63 12.69
CA VAL A 21 24.94 0.90 11.63
C VAL A 21 23.53 0.48 12.07
N GLU A 22 23.42 -0.69 12.69
CA GLU A 22 22.12 -1.17 13.15
C GLU A 22 21.49 -0.23 14.17
N LEU A 23 22.29 0.25 15.13
CA LEU A 23 21.78 1.17 16.12
C LEU A 23 21.32 2.48 15.49
N ALA A 24 22.07 2.98 14.50
CA ALA A 24 21.65 4.17 13.78
C ALA A 24 20.32 3.94 13.07
N ILE A 25 20.13 2.78 12.46
CA ILE A 25 18.88 2.49 11.77
C ILE A 25 17.73 2.38 12.77
N ALA A 26 17.98 1.74 13.93
CA ALA A 26 16.94 1.59 14.94
C ALA A 26 16.45 2.93 15.44
N VAL A 27 17.38 3.86 15.67
CA VAL A 27 17.01 5.20 16.15
C VAL A 27 16.13 5.89 15.12
N LEU A 28 16.52 5.84 13.85
CA LEU A 28 15.75 6.54 12.82
C LEU A 28 14.40 5.88 12.59
N ALA A 29 14.35 4.55 12.67
CA ALA A 29 13.08 3.85 12.49
C ALA A 29 12.09 4.20 13.60
N ILE A 30 12.56 4.29 14.83
CA ILE A 30 11.69 4.66 15.95
C ILE A 30 11.20 6.09 15.80
N LEU A 31 12.13 7.04 15.59
CA LEU A 31 11.76 8.45 15.56
C LEU A 31 10.78 8.76 14.43
N GLY A 32 11.06 8.25 13.24
CA GLY A 32 10.20 8.59 12.10
C GLY A 32 8.81 8.01 12.21
N ASN A 33 8.70 6.78 12.69
CA ASN A 33 7.40 6.12 12.74
C ASN A 33 6.60 6.51 13.97
N VAL A 34 7.26 6.87 15.07
CA VAL A 34 6.58 7.57 16.15
C VAL A 34 5.94 8.85 15.63
N LEU A 35 6.66 9.58 14.78
CA LEU A 35 6.14 10.80 14.20
C LEU A 35 4.90 10.53 13.36
N VAL A 36 4.90 9.43 12.61
CA VAL A 36 3.71 9.03 11.85
C VAL A 36 2.54 8.81 12.79
N CYS A 37 2.75 8.02 13.84
CA CYS A 37 1.67 7.70 14.77
C CYS A 37 1.17 8.94 15.49
N TRP A 38 2.10 9.83 15.87
N TRP A 38 2.08 9.85 15.86
CA TRP A 38 1.73 11.09 16.51
CA TRP A 38 1.63 11.06 16.53
C TRP A 38 0.90 11.96 15.57
C TRP A 38 0.90 12.00 15.57
N ALA A 39 1.24 11.97 14.28
CA ALA A 39 0.51 12.78 13.31
C ALA A 39 -0.92 12.29 13.17
N VAL A 40 -1.10 10.98 13.03
CA VAL A 40 -2.45 10.42 12.88
C VAL A 40 -3.27 10.67 14.13
N TRP A 41 -2.68 10.47 15.30
CA TRP A 41 -3.39 10.72 16.56
C TRP A 41 -3.87 12.16 16.66
N LEU A 42 -3.04 13.12 16.22
CA LEU A 42 -3.36 14.52 16.46
C LEU A 42 -4.31 15.12 15.43
N ASN A 43 -4.23 14.67 14.17
CA ASN A 43 -4.93 15.33 13.07
C ASN A 43 -6.10 14.45 12.64
N SER A 44 -7.32 14.98 12.80
CA SER A 44 -8.51 14.24 12.40
C SER A 44 -8.63 14.13 10.88
N ASN A 45 -7.96 15.00 10.13
CA ASN A 45 -7.91 14.85 8.67
C ASN A 45 -7.11 13.62 8.27
N LEU A 46 -6.30 13.07 9.18
CA LEU A 46 -5.53 11.86 8.91
C LEU A 46 -6.17 10.63 9.51
N GLN A 47 -7.31 10.76 10.18
CA GLN A 47 -7.95 9.64 10.85
C GLN A 47 -8.98 9.05 9.91
N ASN A 48 -8.54 8.10 9.10
CA ASN A 48 -9.38 7.35 8.18
C ASN A 48 -8.89 5.91 8.17
N VAL A 49 -9.67 5.03 7.54
CA VAL A 49 -9.35 3.61 7.58
C VAL A 49 -7.99 3.35 6.94
N THR A 50 -7.71 4.00 5.81
CA THR A 50 -6.43 3.82 5.13
C THR A 50 -5.25 4.05 6.07
N ASN A 51 -5.33 5.12 6.87
CA ASN A 51 -4.24 5.49 7.77
C ASN A 51 -4.18 4.65 9.04
N TYR A 52 -5.26 3.94 9.39
CA TYR A 52 -5.15 2.98 10.50
C TYR A 52 -4.22 1.83 10.13
N PHE A 53 -4.25 1.40 8.86
CA PHE A 53 -3.28 0.42 8.40
C PHE A 53 -1.89 1.01 8.31
N VAL A 54 -1.81 2.30 7.95
CA VAL A 54 -0.53 3.02 7.97
C VAL A 54 0.05 3.03 9.38
N VAL A 55 -0.80 3.21 10.40
CA VAL A 55 -0.32 3.20 11.77
C VAL A 55 0.11 1.79 12.18
N SER A 56 -0.67 0.78 11.82
CA SER A 56 -0.26 -0.59 12.09
C SER A 56 1.10 -0.89 11.44
N LEU A 57 1.31 -0.37 10.23
CA LEU A 57 2.59 -0.54 9.56
C LEU A 57 3.71 0.21 10.28
N ALA A 58 3.43 1.42 10.76
CA ALA A 58 4.41 2.15 11.55
C ALA A 58 4.71 1.46 12.88
N ALA A 59 3.71 0.83 13.48
CA ALA A 59 3.94 0.08 14.72
C ALA A 59 4.90 -1.08 14.49
N ALA A 60 4.73 -1.80 13.38
CA ALA A 60 5.67 -2.86 13.04
C ALA A 60 7.09 -2.32 12.89
N ASP A 61 7.22 -1.14 12.27
CA ASP A 61 8.55 -0.56 12.04
C ASP A 61 9.16 -0.04 13.34
N ILE A 62 8.33 0.49 14.25
CA ILE A 62 8.82 0.86 15.57
C ILE A 62 9.39 -0.36 16.29
N LEU A 63 8.72 -1.51 16.18
CA LEU A 63 9.19 -2.72 16.84
C LEU A 63 10.41 -3.33 16.17
N VAL A 64 10.65 -3.04 14.88
CA VAL A 64 11.93 -3.39 14.28
C VAL A 64 13.06 -2.68 14.99
N GLY A 65 12.86 -1.39 15.31
CA GLY A 65 13.89 -0.64 15.99
C GLY A 65 14.05 -1.07 17.44
N VAL A 66 12.94 -1.29 18.14
CA VAL A 66 12.99 -1.57 19.57
C VAL A 66 13.39 -3.03 19.82
N LEU A 67 12.93 -3.97 19.00
CA LEU A 67 13.14 -5.39 19.28
C LEU A 67 13.90 -6.13 18.21
N ALA A 68 13.50 -6.03 16.93
CA ALA A 68 14.09 -6.88 15.91
C ALA A 68 15.56 -6.57 15.69
N ILE A 69 15.95 -5.31 15.76
CA ILE A 69 17.34 -4.93 15.51
C ILE A 69 18.19 -5.36 16.71
N PRO A 70 17.78 -5.09 17.96
CA PRO A 70 18.49 -5.71 19.09
C PRO A 70 18.59 -7.23 19.00
N PHE A 71 17.52 -7.90 18.53
CA PHE A 71 17.58 -9.34 18.38
C PHE A 71 18.58 -9.75 17.30
N ALA A 72 18.63 -9.01 16.19
CA ALA A 72 19.57 -9.33 15.12
C ALA A 72 21.01 -9.14 15.58
N ILE A 73 21.28 -8.06 16.32
CA ILE A 73 22.61 -7.86 16.90
C ILE A 73 22.97 -9.03 17.81
N THR A 74 22.04 -9.43 18.68
CA THR A 74 22.29 -10.51 19.62
C THR A 74 22.63 -11.81 18.89
N ILE A 75 21.83 -12.19 17.90
N ILE A 75 21.83 -12.19 17.91
CA ILE A 75 22.04 -13.46 17.22
CA ILE A 75 22.03 -13.46 17.21
C ILE A 75 23.18 -13.41 16.21
C ILE A 75 23.27 -13.41 16.31
N SER A 76 23.73 -12.21 15.95
CA SER A 76 24.95 -12.13 15.15
C SER A 76 26.16 -12.60 15.92
N THR A 77 26.08 -12.66 17.26
CA THR A 77 27.21 -13.08 18.09
C THR A 77 27.34 -14.59 18.21
N GLY A 78 26.29 -15.34 17.85
CA GLY A 78 26.34 -16.78 18.03
C GLY A 78 26.36 -17.25 19.47
N PHE A 79 25.85 -16.43 20.39
CA PHE A 79 25.95 -16.73 21.81
C PHE A 79 25.18 -18.01 22.16
N CYS A 80 25.60 -18.63 23.24
CA CYS A 80 24.99 -19.88 23.71
C CYS A 80 23.59 -19.60 24.23
N ALA A 81 22.61 -20.40 23.78
CA ALA A 81 21.23 -20.18 24.16
C ALA A 81 20.48 -21.50 24.06
N ALA A 82 19.48 -21.68 24.92
CA ALA A 82 18.50 -22.73 24.72
C ALA A 82 17.89 -22.58 23.33
N CYS A 83 17.80 -23.68 22.59
CA CYS A 83 17.50 -23.58 21.17
C CYS A 83 16.15 -22.92 20.91
N HIS A 84 15.15 -23.22 21.74
CA HIS A 84 13.83 -22.65 21.49
C HIS A 84 13.77 -21.17 21.88
N GLY A 85 14.56 -20.75 22.87
CA GLY A 85 14.72 -19.32 23.11
C GLY A 85 15.41 -18.63 21.96
N CYS A 86 16.46 -19.26 21.41
CA CYS A 86 17.11 -18.74 20.23
C CYS A 86 16.13 -18.62 19.08
N LEU A 87 15.20 -19.57 18.97
CA LEU A 87 14.21 -19.54 17.90
C LEU A 87 13.38 -18.27 17.95
N PHE A 88 12.97 -17.85 19.16
CA PHE A 88 12.08 -16.70 19.28
C PHE A 88 12.77 -15.42 18.82
N ILE A 89 14.01 -15.18 19.26
CA ILE A 89 14.71 -13.98 18.84
C ILE A 89 15.08 -14.05 17.37
N ALA A 90 15.18 -15.26 16.80
CA ALA A 90 15.42 -15.37 15.36
C ALA A 90 14.16 -15.06 14.57
N CYS A 91 13.01 -15.51 15.08
CA CYS A 91 11.78 -15.50 14.29
C CYS A 91 10.91 -14.28 14.53
N PHE A 92 11.14 -13.51 15.60
CA PHE A 92 10.22 -12.40 15.89
C PHE A 92 10.16 -11.42 14.73
N VAL A 93 11.29 -11.20 14.05
CA VAL A 93 11.29 -10.27 12.92
C VAL A 93 10.39 -10.77 11.81
N LEU A 94 10.20 -12.10 11.71
CA LEU A 94 9.29 -12.65 10.71
C LEU A 94 7.85 -12.26 11.00
N VAL A 95 7.50 -12.09 12.27
CA VAL A 95 6.18 -11.59 12.64
C VAL A 95 5.99 -10.17 12.13
N LEU A 96 7.00 -9.32 12.35
CA LEU A 96 6.89 -7.92 11.96
C LEU A 96 6.85 -7.77 10.43
N ALA A 97 7.67 -8.54 9.71
CA ALA A 97 7.61 -8.49 8.26
C ALA A 97 6.25 -8.95 7.75
N GLN A 98 5.70 -9.99 8.38
CA GLN A 98 4.41 -10.51 7.93
C GLN A 98 3.30 -9.51 8.19
N SER A 99 3.32 -8.87 9.36
CA SER A 99 2.35 -7.81 9.66
C SER A 99 2.45 -6.68 8.65
N SER A 100 3.68 -6.31 8.27
CA SER A 100 3.86 -5.28 7.25
C SER A 100 3.21 -5.68 5.95
N ILE A 101 3.41 -6.94 5.53
CA ILE A 101 2.81 -7.45 4.30
C ILE A 101 1.29 -7.33 4.35
N PHE A 102 0.70 -7.70 5.49
CA PHE A 102 -0.75 -7.63 5.62
C PHE A 102 -1.24 -6.19 5.57
N SER A 103 -0.52 -5.28 6.22
CA SER A 103 -0.91 -3.87 6.17
C SER A 103 -0.82 -3.33 4.75
N LEU A 104 0.25 -3.66 4.03
CA LEU A 104 0.41 -3.16 2.67
C LEU A 104 -0.69 -3.70 1.75
N LEU A 105 -1.05 -4.98 1.92
CA LEU A 105 -2.13 -5.55 1.12
C LEU A 105 -3.46 -4.88 1.44
N ALA A 106 -3.72 -4.62 2.72
CA ALA A 106 -4.96 -3.95 3.11
C ALA A 106 -5.04 -2.56 2.52
N ILE A 107 -3.94 -1.81 2.54
CA ILE A 107 -3.93 -0.46 1.98
C ILE A 107 -4.26 -0.51 0.49
N ALA A 108 -3.70 -1.48 -0.24
CA ALA A 108 -3.99 -1.60 -1.66
C ALA A 108 -5.46 -1.90 -1.88
N ILE A 109 -6.01 -2.83 -1.10
CA ILE A 109 -7.41 -3.23 -1.29
C ILE A 109 -8.33 -2.07 -0.92
N ASP A 110 -8.00 -1.35 0.15
CA ASP A 110 -8.78 -0.18 0.56
C ASP A 110 -8.86 0.85 -0.56
N ARG A 111 -7.73 1.16 -1.19
CA ARG A 111 -7.74 2.12 -2.29
C ARG A 111 -8.49 1.61 -3.51
N TYR A 112 -8.48 0.30 -3.74
CA TYR A 112 -9.27 -0.25 -4.84
C TYR A 112 -10.76 -0.10 -4.59
N ILE A 113 -11.21 -0.39 -3.37
CA ILE A 113 -12.62 -0.20 -3.03
C ILE A 113 -13.02 1.25 -3.21
N ALA A 114 -12.16 2.19 -2.81
CA ALA A 114 -12.48 3.61 -2.91
C ALA A 114 -12.61 4.05 -4.36
N ILE A 115 -11.79 3.50 -5.26
CA ILE A 115 -11.86 3.92 -6.65
C ILE A 115 -12.93 3.15 -7.42
N ALA A 116 -13.25 1.93 -7.02
CA ALA A 116 -14.13 1.09 -7.84
C ALA A 116 -15.59 1.18 -7.42
N ILE A 117 -15.86 1.33 -6.12
CA ILE A 117 -17.23 1.52 -5.65
C ILE A 117 -17.26 2.64 -4.62
N PRO A 118 -16.96 3.89 -5.00
CA PRO A 118 -16.93 4.97 -4.00
C PRO A 118 -18.27 5.23 -3.33
N LEU A 119 -19.39 4.86 -3.95
CA LEU A 119 -20.69 5.15 -3.35
C LEU A 119 -20.97 4.30 -2.13
N ARG A 120 -20.36 3.11 -2.04
CA ARG A 120 -20.60 2.21 -0.92
C ARG A 120 -19.34 2.00 -0.09
N TYR A 121 -18.25 2.73 -0.38
CA TYR A 121 -17.02 2.59 0.39
C TYR A 121 -17.28 2.86 1.86
N ASN A 122 -17.83 4.05 2.18
CA ASN A 122 -17.97 4.46 3.57
C ASN A 122 -18.85 3.51 4.36
N GLY A 123 -19.84 2.90 3.72
CA GLY A 123 -20.65 1.90 4.41
C GLY A 123 -20.01 0.54 4.50
N LEU A 124 -19.09 0.22 3.58
CA LEU A 124 -18.43 -1.07 3.58
C LEU A 124 -17.17 -1.06 4.44
N VAL A 125 -16.39 0.01 4.35
CA VAL A 125 -15.08 0.09 4.95
C VAL A 125 -15.17 1.06 6.11
N THR A 126 -15.30 0.53 7.33
CA THR A 126 -15.50 1.33 8.52
C THR A 126 -14.32 1.18 9.47
N GLY A 127 -14.18 2.16 10.37
CA GLY A 127 -13.09 2.12 11.33
C GLY A 127 -13.14 0.89 12.23
N THR A 128 -14.34 0.51 12.66
CA THR A 128 -14.48 -0.65 13.54
C THR A 128 -14.10 -1.93 12.81
N ARG A 129 -14.48 -2.05 11.53
CA ARG A 129 -14.08 -3.22 10.76
C ARG A 129 -12.59 -3.22 10.49
N ALA A 130 -12.01 -2.05 10.21
CA ALA A 130 -10.57 -1.95 10.02
C ALA A 130 -9.82 -2.41 11.26
N ALA A 131 -10.27 -2.00 12.45
CA ALA A 131 -9.56 -2.37 13.67
C ALA A 131 -9.61 -3.86 13.92
N GLY A 132 -10.73 -4.50 13.59
CA GLY A 132 -10.81 -5.95 13.70
C GLY A 132 -9.89 -6.66 12.73
N ILE A 133 -9.83 -6.18 11.49
CA ILE A 133 -8.92 -6.77 10.50
C ILE A 133 -7.48 -6.64 10.97
N ILE A 134 -7.11 -5.47 11.49
CA ILE A 134 -5.74 -5.27 11.98
C ILE A 134 -5.42 -6.24 13.11
N ALA A 135 -6.37 -6.44 14.04
CA ALA A 135 -6.16 -7.40 15.12
C ALA A 135 -5.97 -8.81 14.58
N ILE A 136 -6.83 -9.20 13.64
CA ILE A 136 -6.74 -10.54 13.04
C ILE A 136 -5.41 -10.70 12.33
N CYS A 137 -4.96 -9.68 11.61
CA CYS A 137 -3.72 -9.78 10.84
C CYS A 137 -2.51 -9.90 11.76
N TRP A 138 -2.54 -9.22 12.91
CA TRP A 138 -1.43 -9.36 13.86
C TRP A 138 -1.38 -10.77 14.44
N VAL A 139 -2.54 -11.36 14.74
CA VAL A 139 -2.58 -12.74 15.23
C VAL A 139 -2.03 -13.68 14.17
N LEU A 140 -2.47 -13.51 12.92
CA LEU A 140 -1.97 -14.35 11.84
C LEU A 140 -0.48 -14.14 11.60
N SER A 141 0.03 -12.93 11.83
CA SER A 141 1.45 -12.67 11.66
C SER A 141 2.27 -13.40 12.70
N PHE A 142 1.76 -13.50 13.94
CA PHE A 142 2.44 -14.29 14.96
C PHE A 142 2.44 -15.77 14.58
N ALA A 143 1.31 -16.27 14.07
CA ALA A 143 1.23 -17.69 13.72
C ALA A 143 2.18 -18.03 12.57
N ILE A 144 2.23 -17.17 11.55
CA ILE A 144 3.12 -17.39 10.42
C ILE A 144 4.58 -17.24 10.84
N GLY A 145 4.90 -16.13 11.51
CA GLY A 145 6.29 -15.85 11.84
C GLY A 145 6.87 -16.76 12.89
N LEU A 146 6.05 -17.27 13.81
CA LEU A 146 6.52 -18.18 14.84
C LEU A 146 6.23 -19.64 14.53
N THR A 147 5.80 -19.94 13.30
CA THR A 147 5.62 -21.34 12.90
C THR A 147 6.83 -22.22 13.20
N PRO A 148 8.08 -21.79 13.06
CA PRO A 148 9.20 -22.64 13.50
C PRO A 148 9.14 -23.06 14.95
N MET A 149 8.55 -22.22 15.82
N MET A 149 8.55 -22.23 15.82
CA MET A 149 8.44 -22.60 17.23
CA MET A 149 8.42 -22.56 17.24
C MET A 149 7.40 -23.70 17.43
C MET A 149 7.48 -23.74 17.44
N LEU A 150 6.55 -23.96 16.44
CA LEU A 150 5.61 -25.07 16.50
C LEU A 150 6.25 -26.40 16.10
N GLY A 151 7.53 -26.40 15.74
CA GLY A 151 8.25 -27.64 15.50
C GLY A 151 9.00 -27.69 14.19
N TRP A 152 8.75 -26.72 13.31
CA TRP A 152 9.46 -26.66 12.03
C TRP A 152 10.77 -25.90 12.26
N ASN A 153 11.73 -26.61 12.86
CA ASN A 153 12.99 -26.00 13.29
C ASN A 153 14.07 -27.07 13.30
N ASN A 154 15.31 -26.63 13.50
CA ASN A 154 16.44 -27.54 13.56
C ASN A 154 16.90 -27.82 14.98
N CYS A 155 16.04 -27.61 15.98
CA CYS A 155 16.46 -27.81 17.36
C CYS A 155 16.66 -29.30 17.65
N GLY A 156 15.96 -30.17 16.91
CA GLY A 156 16.17 -31.60 17.07
C GLY A 156 17.52 -32.09 16.60
N GLN A 157 18.20 -31.32 15.75
CA GLN A 157 19.50 -31.72 15.21
C GLN A 157 20.53 -30.63 15.44
N PRO A 158 20.85 -30.34 16.71
CA PRO A 158 21.78 -29.25 17.00
C PRO A 158 23.17 -29.53 16.44
N LYS A 159 23.87 -28.46 16.08
CA LYS A 159 25.29 -28.56 15.73
C LYS A 159 26.08 -28.67 17.01
N GLU A 160 26.34 -29.91 17.44
CA GLU A 160 26.98 -30.14 18.73
C GLU A 160 28.43 -29.70 18.74
N GLY A 161 29.14 -29.84 17.62
CA GLY A 161 30.53 -29.42 17.57
C GLY A 161 30.68 -27.92 17.73
N LYS A 162 29.77 -27.15 17.13
CA LYS A 162 29.80 -25.71 17.30
C LYS A 162 29.43 -25.31 18.72
N ALA A 163 28.45 -26.00 19.31
CA ALA A 163 28.07 -25.73 20.69
C ALA A 163 29.21 -26.06 21.65
N HIS A 164 29.88 -27.20 21.46
CA HIS A 164 30.98 -27.57 22.34
C HIS A 164 32.16 -26.61 22.19
N SER A 165 32.41 -26.14 20.97
CA SER A 165 33.56 -25.27 20.75
C SER A 165 33.38 -23.93 21.45
N GLN A 166 32.15 -23.48 21.63
CA GLN A 166 31.86 -22.21 22.28
C GLN A 166 31.57 -22.37 23.77
N GLY A 167 31.75 -23.56 24.33
CA GLY A 167 31.49 -23.74 25.74
C GLY A 167 30.04 -23.70 26.12
N CYS A 168 29.14 -23.98 25.18
CA CYS A 168 27.72 -23.93 25.49
C CYS A 168 27.33 -25.01 26.49
N GLY A 169 26.27 -24.74 27.24
CA GLY A 169 25.81 -25.68 28.23
C GLY A 169 24.97 -26.78 27.62
N GLU A 170 24.51 -27.68 28.47
CA GLU A 170 23.71 -28.80 27.99
C GLU A 170 22.34 -28.30 27.54
N GLY A 171 21.88 -28.80 26.40
CA GLY A 171 20.64 -28.30 25.83
C GLY A 171 20.76 -26.96 25.12
N GLN A 172 21.96 -26.41 25.00
CA GLN A 172 22.16 -25.13 24.33
C GLN A 172 22.85 -25.30 22.99
N VAL A 173 22.61 -24.32 22.11
CA VAL A 173 23.24 -24.23 20.80
C VAL A 173 23.86 -22.84 20.68
N ALA A 174 24.81 -22.72 19.75
CA ALA A 174 25.23 -21.41 19.28
C ALA A 174 24.07 -20.78 18.53
N CYS A 175 23.60 -19.63 19.00
CA CYS A 175 22.37 -19.05 18.47
C CYS A 175 22.69 -18.30 17.19
N LEU A 176 22.45 -18.97 16.06
CA LEU A 176 22.67 -18.42 14.73
C LEU A 176 21.44 -18.67 13.89
N PHE A 177 20.99 -17.64 13.15
CA PHE A 177 19.73 -17.72 12.42
C PHE A 177 19.66 -18.98 11.56
N GLU A 178 20.66 -19.19 10.71
CA GLU A 178 20.57 -20.28 9.75
C GLU A 178 20.82 -21.65 10.39
N ASP A 179 21.26 -21.69 11.64
CA ASP A 179 21.38 -22.97 12.35
C ASP A 179 20.07 -23.43 12.95
N VAL A 180 19.15 -22.53 13.28
CA VAL A 180 17.92 -22.92 13.96
C VAL A 180 16.69 -22.81 13.06
N VAL A 181 16.65 -21.88 12.12
CA VAL A 181 15.49 -21.70 11.25
C VAL A 181 15.75 -22.50 9.98
N PRO A 182 14.87 -23.45 9.62
CA PRO A 182 15.11 -24.26 8.42
C PRO A 182 15.01 -23.41 7.17
N MET A 183 15.85 -23.70 6.19
N MET A 183 15.87 -23.70 6.20
CA MET A 183 15.82 -22.90 4.97
CA MET A 183 15.86 -22.94 4.95
C MET A 183 14.65 -23.25 4.07
C MET A 183 14.62 -23.24 4.11
N ASN A 184 14.12 -24.47 4.16
CA ASN A 184 12.92 -24.81 3.40
C ASN A 184 11.72 -24.02 3.91
N TYR A 185 11.65 -23.78 5.21
CA TYR A 185 10.67 -22.83 5.74
C TYR A 185 10.88 -21.45 5.13
N MET A 186 12.12 -20.96 5.18
CA MET A 186 12.40 -19.59 4.75
C MET A 186 12.09 -19.40 3.26
N VAL A 187 12.36 -20.41 2.44
CA VAL A 187 12.18 -20.27 0.99
C VAL A 187 10.76 -20.61 0.55
N TYR A 188 10.27 -21.81 0.91
CA TYR A 188 8.97 -22.24 0.39
C TYR A 188 7.82 -21.60 1.14
N PHE A 189 7.89 -21.57 2.46
CA PHE A 189 6.76 -21.12 3.27
C PHE A 189 6.80 -19.60 3.42
N ASN A 190 7.90 -19.06 3.95
CA ASN A 190 7.97 -17.63 4.20
C ASN A 190 8.07 -16.83 2.91
N PHE A 191 9.04 -17.15 2.06
CA PHE A 191 9.26 -16.33 0.87
C PHE A 191 8.18 -16.57 -0.17
N PHE A 192 8.09 -17.79 -0.71
CA PHE A 192 7.19 -18.03 -1.83
C PHE A 192 5.74 -17.80 -1.41
N ALA A 193 5.30 -18.48 -0.35
CA ALA A 193 3.89 -18.46 0.02
C ALA A 193 3.48 -17.16 0.72
N CYS A 194 4.27 -16.72 1.70
CA CYS A 194 3.85 -15.66 2.60
C CYS A 194 4.33 -14.27 2.20
N VAL A 195 5.28 -14.16 1.28
CA VAL A 195 5.81 -12.86 0.89
C VAL A 195 5.59 -12.64 -0.58
N LEU A 196 6.06 -13.57 -1.41
CA LEU A 196 6.00 -13.39 -2.86
C LEU A 196 4.57 -13.34 -3.36
N VAL A 197 3.74 -14.29 -2.90
CA VAL A 197 2.34 -14.31 -3.35
C VAL A 197 1.57 -13.06 -2.94
N PRO A 198 1.63 -12.60 -1.68
CA PRO A 198 0.95 -11.33 -1.37
C PRO A 198 1.48 -10.13 -2.16
N LEU A 199 2.79 -10.04 -2.38
CA LEU A 199 3.32 -8.95 -3.17
C LEU A 199 2.79 -8.99 -4.61
N LEU A 200 2.71 -10.18 -5.19
CA LEU A 200 2.15 -10.29 -6.53
C LEU A 200 0.67 -9.92 -6.54
N LEU A 201 -0.06 -10.31 -5.49
CA LEU A 201 -1.45 -9.87 -5.34
C LEU A 201 -1.54 -8.36 -5.24
N MET A 202 -0.64 -7.74 -4.48
CA MET A 202 -0.61 -6.28 -4.40
C MET A 202 -0.42 -5.66 -5.77
N LEU A 203 0.52 -6.20 -6.54
CA LEU A 203 0.74 -5.71 -7.90
C LEU A 203 -0.53 -5.80 -8.73
N GLY A 204 -1.23 -6.92 -8.64
CA GLY A 204 -2.49 -7.06 -9.37
C GLY A 204 -3.54 -6.06 -8.95
N VAL A 205 -3.66 -5.81 -7.63
CA VAL A 205 -4.59 -4.81 -7.14
C VAL A 205 -4.24 -3.42 -7.66
N TYR A 206 -2.96 -3.06 -7.60
CA TYR A 206 -2.55 -1.75 -8.08
C TYR A 206 -2.79 -1.59 -9.59
N LEU A 207 -2.52 -2.65 -10.35
CA LEU A 207 -2.86 -2.62 -11.78
C LEU A 207 -4.34 -2.36 -11.99
N ARG A 208 -5.19 -3.02 -11.19
CA ARG A 208 -6.63 -2.80 -11.30
C ARG A 208 -7.01 -1.38 -10.90
N ILE A 209 -6.36 -0.83 -9.87
CA ILE A 209 -6.64 0.54 -9.44
C ILE A 209 -6.35 1.52 -10.58
N PHE A 210 -5.15 1.43 -11.16
CA PHE A 210 -4.74 2.37 -12.19
C PHE A 210 -5.56 2.19 -13.48
N ALA A 211 -5.91 0.95 -13.80
CA ALA A 211 -6.79 0.71 -14.95
C ALA A 211 -8.18 1.28 -14.71
N ALA A 212 -8.70 1.15 -13.48
CA ALA A 212 -10.00 1.72 -13.17
C ALA A 212 -9.98 3.24 -13.25
N ALA A 213 -8.92 3.86 -12.73
CA ALA A 213 -8.79 5.32 -12.85
C ALA A 213 -8.73 5.74 -14.30
N ARG A 214 -7.94 5.04 -15.11
CA ARG A 214 -7.81 5.38 -16.53
C ARG A 214 -9.16 5.27 -17.24
N ARG A 215 -9.92 4.22 -16.93
CA ARG A 215 -11.22 4.04 -17.57
C ARG A 215 -12.20 5.13 -17.14
N GLN A 216 -12.19 5.50 -15.86
CA GLN A 216 -13.16 6.49 -15.38
C GLN A 216 -12.85 7.87 -15.95
N LEU A 217 -11.57 8.22 -16.05
CA LEU A 217 -11.21 9.49 -16.67
C LEU A 217 -11.61 9.51 -18.14
N ALA A 218 -11.36 8.41 -18.85
CA ALA A 218 -11.79 8.31 -20.24
C ALA A 218 -13.30 8.43 -20.37
N ASP A 219 -14.04 7.80 -19.44
CA ASP A 219 -15.49 7.88 -19.46
C ASP A 219 -15.97 9.32 -19.24
N LEU A 220 -15.30 10.07 -18.36
CA LEU A 220 -15.64 11.47 -18.17
C LEU A 220 -15.42 12.27 -19.45
N GLU A 221 -14.28 12.08 -20.10
CA GLU A 221 -13.98 12.82 -21.32
C GLU A 221 -14.89 12.39 -22.47
N ASP A 222 -15.27 11.11 -22.53
CA ASP A 222 -16.18 10.65 -23.57
C ASP A 222 -17.56 11.27 -23.42
N ASN A 223 -18.05 11.38 -22.17
CA ASN A 223 -19.34 12.00 -21.95
C ASN A 223 -19.31 13.50 -22.22
N TRP A 224 -18.16 14.14 -21.94
CA TRP A 224 -18.00 15.56 -22.27
C TRP A 224 -18.03 15.79 -23.78
N GLU A 225 -17.31 14.96 -24.54
CA GLU A 225 -17.31 15.10 -25.98
C GLU A 225 -18.69 14.80 -26.57
N THR A 226 -19.35 13.75 -26.08
CA THR A 226 -20.68 13.42 -26.58
C THR A 226 -21.65 14.59 -26.38
N LEU A 227 -21.54 15.26 -25.24
CA LEU A 227 -22.38 16.43 -24.99
C LEU A 227 -22.12 17.52 -26.03
N ASN A 228 -20.85 17.86 -26.25
CA ASN A 228 -20.53 18.96 -27.14
C ASN A 228 -20.72 18.59 -28.61
N ASP A 229 -20.41 17.34 -28.98
CA ASP A 229 -20.65 16.87 -30.34
C ASP A 229 -22.12 16.97 -30.70
N ASN A 230 -22.99 16.43 -29.85
CA ASN A 230 -24.41 16.37 -30.17
C ASN A 230 -25.04 17.76 -30.20
N LEU A 231 -24.50 18.71 -29.43
CA LEU A 231 -24.94 20.10 -29.56
C LEU A 231 -24.66 20.62 -30.96
N LYS A 232 -23.48 20.31 -31.52
CA LYS A 232 -23.18 20.73 -32.88
C LYS A 232 -24.12 20.08 -33.88
N VAL A 233 -24.44 18.80 -33.68
CA VAL A 233 -25.38 18.10 -34.55
C VAL A 233 -26.72 18.81 -34.58
N ILE A 234 -27.21 19.24 -33.41
CA ILE A 234 -28.50 19.92 -33.34
C ILE A 234 -28.45 21.25 -34.09
N GLU A 235 -27.34 21.99 -33.93
CA GLU A 235 -27.24 23.31 -34.56
C GLU A 235 -27.34 23.22 -36.07
N LYS A 236 -26.70 22.23 -36.69
CA LYS A 236 -26.71 22.10 -38.14
C LYS A 236 -27.67 21.01 -38.62
N ALA A 237 -28.60 20.59 -37.77
CA ALA A 237 -29.68 19.72 -38.23
C ALA A 237 -30.63 20.48 -39.14
N ASP A 238 -31.30 19.74 -40.03
CA ASP A 238 -32.25 20.36 -40.95
C ASP A 238 -33.66 19.83 -40.82
N ASN A 239 -33.91 18.87 -39.92
CA ASN A 239 -35.27 18.43 -39.64
C ASN A 239 -35.40 18.09 -38.17
N ALA A 240 -36.65 17.95 -37.72
CA ALA A 240 -36.90 17.70 -36.30
C ALA A 240 -36.42 16.33 -35.87
N ALA A 241 -36.40 15.35 -36.78
CA ALA A 241 -35.97 14.01 -36.41
C ALA A 241 -34.49 13.97 -36.07
N GLN A 242 -33.67 14.76 -36.77
CA GLN A 242 -32.24 14.81 -36.46
C GLN A 242 -32.02 15.47 -35.09
N VAL A 243 -32.75 16.54 -34.80
CA VAL A 243 -32.68 17.16 -33.48
C VAL A 243 -33.07 16.15 -32.41
N LYS A 244 -34.15 15.39 -32.65
CA LYS A 244 -34.61 14.41 -31.67
C LYS A 244 -33.53 13.36 -31.41
N ASP A 245 -32.93 12.84 -32.48
CA ASP A 245 -31.90 11.81 -32.34
C ASP A 245 -30.77 12.29 -31.43
N ALA A 246 -30.26 13.50 -31.68
CA ALA A 246 -29.14 13.99 -30.89
C ALA A 246 -29.54 14.28 -29.44
N LEU A 247 -30.77 14.77 -29.24
CA LEU A 247 -31.21 15.08 -27.88
C LEU A 247 -31.40 13.82 -27.05
N THR A 248 -31.94 12.75 -27.67
CA THR A 248 -32.12 11.51 -26.95
C THR A 248 -30.77 10.91 -26.53
N LYS A 249 -29.77 11.02 -27.40
CA LYS A 249 -28.43 10.58 -27.02
C LYS A 249 -27.84 11.45 -25.93
N MET A 250 -28.18 12.75 -25.92
CA MET A 250 -27.73 13.63 -24.86
C MET A 250 -28.41 13.29 -23.53
N ARG A 251 -29.68 12.92 -23.56
CA ARG A 251 -30.42 12.68 -22.33
C ARG A 251 -29.92 11.44 -21.62
N ALA A 252 -29.73 10.35 -22.37
CA ALA A 252 -29.16 9.14 -21.77
C ALA A 252 -27.75 9.37 -21.26
N ALA A 253 -26.97 10.23 -21.92
CA ALA A 253 -25.63 10.52 -21.46
C ALA A 253 -25.64 11.40 -20.22
N ALA A 254 -26.59 12.34 -20.16
CA ALA A 254 -26.68 13.23 -18.99
C ALA A 254 -26.98 12.44 -17.72
N LEU A 255 -27.93 11.51 -17.80
CA LEU A 255 -28.21 10.64 -16.65
C LEU A 255 -27.03 9.73 -16.33
N ASP A 256 -26.27 9.32 -17.34
CA ASP A 256 -25.10 8.48 -17.09
C ASP A 256 -24.01 9.25 -16.36
N ALA A 257 -23.86 10.53 -16.67
CA ALA A 257 -22.92 11.39 -15.97
C ALA A 257 -23.43 11.86 -14.61
N GLN A 258 -24.73 11.74 -14.35
CA GLN A 258 -25.25 12.11 -13.05
C GLN A 258 -25.00 11.03 -12.00
N LYS A 259 -24.92 9.77 -12.41
CA LYS A 259 -24.64 8.68 -11.48
C LYS A 259 -23.24 8.81 -10.87
N ASP A 277 -25.70 21.92 -5.68
CA ASP A 277 -25.45 22.61 -6.94
C ASP A 277 -25.11 21.62 -8.04
N PHE A 278 -24.55 20.48 -7.66
CA PHE A 278 -24.40 19.37 -8.61
C PHE A 278 -25.76 18.88 -9.09
N ARG A 279 -26.66 18.58 -8.15
CA ARG A 279 -27.98 18.06 -8.52
C ARG A 279 -28.78 19.10 -9.30
N HIS A 280 -28.67 20.37 -8.89
CA HIS A 280 -29.39 21.43 -9.60
C HIS A 280 -28.92 21.55 -11.04
N GLY A 281 -27.59 21.50 -11.26
CA GLY A 281 -27.07 21.61 -12.61
C GLY A 281 -27.59 20.52 -13.53
N PHE A 282 -27.59 19.27 -13.07
CA PHE A 282 -28.11 18.19 -13.90
C PHE A 282 -29.63 18.24 -14.01
N ASP A 283 -30.32 18.74 -12.99
CA ASP A 283 -31.76 18.90 -13.10
C ASP A 283 -32.14 19.90 -14.19
N ILE A 284 -31.43 21.03 -14.22
CA ILE A 284 -31.62 21.98 -15.32
C ILE A 284 -31.29 21.33 -16.65
N LEU A 285 -30.16 20.60 -16.71
CA LEU A 285 -29.69 20.05 -17.97
C LEU A 285 -30.69 19.07 -18.54
N VAL A 286 -31.12 18.10 -17.74
CA VAL A 286 -32.10 17.11 -18.20
C VAL A 286 -33.41 17.78 -18.56
N GLY A 287 -33.84 18.74 -17.73
CA GLY A 287 -35.07 19.47 -18.03
C GLY A 287 -34.99 20.25 -19.33
N GLN A 288 -33.85 20.89 -19.58
CA GLN A 288 -33.68 21.65 -20.82
C GLN A 288 -33.61 20.73 -22.02
N ILE A 289 -33.09 19.51 -21.84
CA ILE A 289 -33.13 18.51 -22.91
C ILE A 289 -34.57 18.08 -23.16
N ASP A 290 -35.33 17.85 -22.09
CA ASP A 290 -36.74 17.49 -22.25
C ASP A 290 -37.51 18.61 -22.94
N ASP A 291 -37.24 19.87 -22.59
CA ASP A 291 -37.91 20.99 -23.25
C ASP A 291 -37.66 20.93 -24.76
N ALA A 292 -36.41 20.75 -25.17
CA ALA A 292 -36.07 20.72 -26.58
C ALA A 292 -36.62 19.47 -27.26
N LEU A 293 -36.64 18.34 -26.53
N LEU A 293 -36.61 18.34 -26.54
CA LEU A 293 -37.16 17.11 -27.11
CA LEU A 293 -37.16 17.10 -27.09
C LEU A 293 -38.66 17.22 -27.38
C LEU A 293 -38.64 17.25 -27.39
N LYS A 294 -39.39 17.90 -26.50
CA LYS A 294 -40.82 18.09 -26.73
C LYS A 294 -41.07 18.96 -27.95
N LEU A 295 -40.27 20.02 -28.12
CA LEU A 295 -40.39 20.86 -29.31
C LEU A 295 -40.04 20.08 -30.57
N ALA A 296 -38.98 19.27 -30.50
CA ALA A 296 -38.61 18.43 -31.64
C ALA A 296 -39.76 17.52 -32.05
N ASN A 297 -40.38 16.84 -31.07
CA ASN A 297 -41.47 15.92 -31.37
C ASN A 297 -42.70 16.62 -31.92
N GLU A 298 -42.85 17.92 -31.68
CA GLU A 298 -43.89 18.71 -32.31
C GLU A 298 -43.50 19.22 -33.70
N GLY A 299 -42.32 18.85 -34.19
CA GLY A 299 -41.88 19.32 -35.49
C GLY A 299 -41.45 20.77 -35.53
N LYS A 300 -41.14 21.36 -34.38
CA LYS A 300 -40.71 22.76 -34.29
C LYS A 300 -39.19 22.77 -34.21
N VAL A 301 -38.55 22.71 -35.39
CA VAL A 301 -37.10 22.52 -35.43
C VAL A 301 -36.38 23.75 -34.91
N LYS A 302 -36.64 24.92 -35.50
CA LYS A 302 -36.00 26.16 -35.07
C LYS A 302 -36.19 26.40 -33.57
N GLU A 303 -37.42 26.20 -33.07
CA GLU A 303 -37.66 26.40 -31.64
C GLU A 303 -36.90 25.37 -30.80
N ALA A 304 -36.78 24.14 -31.31
CA ALA A 304 -36.04 23.12 -30.59
C ALA A 304 -34.55 23.42 -30.57
N GLN A 305 -34.01 23.91 -31.70
CA GLN A 305 -32.60 24.27 -31.74
C GLN A 305 -32.30 25.46 -30.84
N ALA A 306 -33.21 26.42 -30.75
CA ALA A 306 -33.03 27.52 -29.82
C ALA A 306 -33.10 27.04 -28.37
N ALA A 307 -34.06 26.18 -28.05
CA ALA A 307 -34.13 25.59 -26.72
C ALA A 307 -32.83 24.85 -26.38
N ALA A 308 -32.25 24.17 -27.37
CA ALA A 308 -31.05 23.38 -27.12
C ALA A 308 -29.83 24.28 -26.92
N GLU A 309 -29.85 25.47 -27.50
CA GLU A 309 -28.75 26.41 -27.29
C GLU A 309 -28.66 26.84 -25.82
N GLN A 310 -29.79 26.83 -25.11
CA GLN A 310 -29.78 27.13 -23.68
C GLN A 310 -28.91 26.17 -22.90
N LEU A 311 -28.78 24.92 -23.38
CA LEU A 311 -27.94 23.93 -22.73
C LEU A 311 -26.53 24.42 -22.51
N LYS A 312 -26.03 25.31 -23.38
CA LYS A 312 -24.66 25.77 -23.27
C LYS A 312 -24.47 26.62 -22.02
N THR A 313 -25.46 27.43 -21.67
CA THR A 313 -25.39 28.19 -20.43
C THR A 313 -25.28 27.26 -19.23
N THR A 314 -26.07 26.18 -19.23
CA THR A 314 -25.99 25.20 -18.14
C THR A 314 -24.67 24.46 -18.16
N ARG A 315 -24.18 24.10 -19.35
CA ARG A 315 -22.89 23.43 -19.48
C ARG A 315 -21.76 24.28 -18.91
N ASN A 316 -21.75 25.58 -19.21
CA ASN A 316 -20.67 26.44 -18.75
C ASN A 316 -20.76 26.68 -17.25
N ALA A 317 -21.97 26.96 -16.75
CA ALA A 317 -22.14 27.35 -15.35
C ALA A 317 -22.08 26.16 -14.41
N TYR A 318 -22.46 24.97 -14.86
CA TYR A 318 -22.59 23.81 -13.98
C TYR A 318 -21.75 22.62 -14.44
N ILE A 319 -22.02 22.09 -15.64
CA ILE A 319 -21.51 20.77 -16.01
C ILE A 319 -19.99 20.75 -16.04
N GLN A 320 -19.39 21.82 -16.57
CA GLN A 320 -17.92 21.85 -16.66
C GLN A 320 -17.27 21.87 -15.29
N LYS A 321 -17.92 22.52 -14.31
CA LYS A 321 -17.38 22.50 -12.94
C LYS A 321 -17.40 21.09 -12.36
N TYR A 322 -18.47 20.34 -12.61
CA TYR A 322 -18.52 18.96 -12.15
C TYR A 322 -17.44 18.11 -12.82
N LEU A 323 -17.30 18.24 -14.14
CA LEU A 323 -16.28 17.51 -14.88
C LEU A 323 -14.89 17.76 -14.28
N GLU A 324 -14.55 19.03 -14.05
CA GLU A 324 -13.22 19.36 -13.53
C GLU A 324 -13.04 18.86 -12.10
N ARG A 325 -14.08 18.91 -11.28
CA ARG A 325 -13.95 18.42 -9.92
C ARG A 325 -13.84 16.90 -9.89
N ALA A 326 -14.63 16.20 -10.71
CA ALA A 326 -14.51 14.75 -10.78
C ALA A 326 -13.14 14.33 -11.26
N ARG A 327 -12.61 15.00 -12.30
CA ARG A 327 -11.27 14.74 -12.77
C ARG A 327 -10.24 15.00 -11.68
N SER A 328 -10.40 16.09 -10.93
CA SER A 328 -9.43 16.42 -9.88
C SER A 328 -9.45 15.39 -8.76
N THR A 329 -10.63 14.86 -8.43
CA THR A 329 -10.71 13.81 -7.42
C THR A 329 -10.04 12.53 -7.89
N LEU A 330 -10.29 12.13 -9.13
CA LEU A 330 -9.65 10.93 -9.67
C LEU A 330 -8.14 11.08 -9.71
N GLN A 331 -7.64 12.26 -10.10
CA GLN A 331 -6.20 12.47 -10.17
C GLN A 331 -5.55 12.40 -8.80
N LYS A 332 -6.27 12.85 -7.77
CA LYS A 332 -5.77 12.74 -6.39
C LYS A 332 -5.74 11.28 -5.95
N GLU A 333 -6.74 10.50 -6.38
CA GLU A 333 -6.75 9.07 -6.08
C GLU A 333 -5.58 8.36 -6.77
N VAL A 334 -5.30 8.71 -8.04
CA VAL A 334 -4.14 8.14 -8.70
C VAL A 334 -2.87 8.50 -7.94
N HIS A 335 -2.75 9.76 -7.50
CA HIS A 335 -1.55 10.19 -6.80
C HIS A 335 -1.39 9.45 -5.47
N ALA A 336 -2.50 9.24 -4.76
CA ALA A 336 -2.43 8.52 -3.49
C ALA A 336 -2.13 7.05 -3.70
N ALA A 337 -2.68 6.45 -4.77
CA ALA A 337 -2.38 5.05 -5.05
C ALA A 337 -0.92 4.88 -5.45
N LYS A 338 -0.36 5.84 -6.18
CA LYS A 338 1.06 5.78 -6.51
C LYS A 338 1.92 5.86 -5.26
N SER A 339 1.56 6.75 -4.32
CA SER A 339 2.31 6.86 -3.08
C SER A 339 2.29 5.54 -2.31
N ALA A 340 1.12 4.93 -2.21
CA ALA A 340 1.01 3.64 -1.52
C ALA A 340 1.80 2.57 -2.26
N ALA A 341 1.77 2.59 -3.59
CA ALA A 341 2.52 1.60 -4.36
C ALA A 341 4.02 1.77 -4.18
N ILE A 342 4.49 3.01 -4.05
CA ILE A 342 5.91 3.25 -3.80
C ILE A 342 6.32 2.59 -2.49
N ILE A 343 5.48 2.69 -1.45
CA ILE A 343 5.77 2.04 -0.18
C ILE A 343 5.88 0.54 -0.36
N ALA A 344 4.95 -0.06 -1.12
CA ALA A 344 4.99 -1.51 -1.33
C ALA A 344 6.20 -1.91 -2.17
N GLY A 345 6.54 -1.11 -3.18
CA GLY A 345 7.71 -1.45 -3.99
C GLY A 345 9.01 -1.31 -3.22
N LEU A 346 9.08 -0.32 -2.33
CA LEU A 346 10.29 -0.16 -1.52
C LEU A 346 10.44 -1.30 -0.51
N PHE A 347 9.32 -1.81 0.02
CA PHE A 347 9.39 -3.00 0.86
C PHE A 347 10.00 -4.15 0.08
N ALA A 348 9.53 -4.37 -1.14
CA ALA A 348 10.05 -5.45 -1.97
C ALA A 348 11.54 -5.23 -2.27
N LEU A 349 11.92 -3.99 -2.57
N LEU A 349 11.92 -3.99 -2.58
CA LEU A 349 13.32 -3.71 -2.91
CA LEU A 349 13.33 -3.72 -2.90
C LEU A 349 14.23 -3.96 -1.71
C LEU A 349 14.23 -3.98 -1.70
N CYS A 350 13.76 -3.66 -0.49
CA CYS A 350 14.60 -3.83 0.68
C CYS A 350 14.67 -5.27 1.16
N TRP A 351 13.62 -6.05 0.95
CA TRP A 351 13.60 -7.42 1.47
C TRP A 351 14.04 -8.46 0.45
N LEU A 352 13.89 -8.20 -0.85
CA LEU A 352 14.22 -9.23 -1.84
C LEU A 352 15.67 -9.70 -1.78
N PRO A 353 16.68 -8.85 -1.56
CA PRO A 353 18.06 -9.37 -1.55
C PRO A 353 18.26 -10.48 -0.53
N LEU A 354 17.75 -10.31 0.69
CA LEU A 354 17.89 -11.35 1.70
C LEU A 354 17.18 -12.63 1.28
N HIS A 355 15.98 -12.51 0.73
CA HIS A 355 15.25 -13.68 0.25
C HIS A 355 15.99 -14.36 -0.89
N ILE A 356 16.52 -13.58 -1.83
CA ILE A 356 17.25 -14.15 -2.96
C ILE A 356 18.49 -14.89 -2.46
N ILE A 357 19.21 -14.30 -1.51
CA ILE A 357 20.37 -14.98 -0.92
C ILE A 357 19.95 -16.31 -0.30
N ASN A 358 18.85 -16.32 0.44
CA ASN A 358 18.34 -17.57 1.00
C ASN A 358 18.05 -18.59 -0.10
N CYS A 359 17.56 -18.13 -1.24
CA CYS A 359 17.30 -19.04 -2.36
C CYS A 359 18.59 -19.66 -2.88
N PHE A 360 19.66 -18.86 -2.98
CA PHE A 360 20.94 -19.42 -3.40
C PHE A 360 21.46 -20.42 -2.39
N THR A 361 21.36 -20.10 -1.10
CA THR A 361 21.83 -21.01 -0.07
C THR A 361 21.08 -22.34 -0.14
N PHE A 362 19.77 -22.27 -0.38
CA PHE A 362 18.91 -23.44 -0.35
C PHE A 362 19.00 -24.25 -1.64
N PHE A 363 18.87 -23.58 -2.78
CA PHE A 363 18.78 -24.28 -4.06
C PHE A 363 20.14 -24.63 -4.67
N CYS A 364 21.21 -23.98 -4.22
CA CYS A 364 22.55 -24.19 -4.79
C CYS A 364 23.54 -24.59 -3.70
N PRO A 365 23.45 -25.82 -3.18
CA PRO A 365 24.44 -26.26 -2.19
C PRO A 365 25.84 -26.44 -2.77
N ASP A 366 25.99 -26.45 -4.09
CA ASP A 366 27.30 -26.40 -4.72
C ASP A 366 27.87 -24.99 -4.81
N CYS A 367 27.06 -23.97 -4.55
CA CYS A 367 27.52 -22.60 -4.54
C CYS A 367 28.09 -22.24 -3.17
N SER A 368 29.16 -21.45 -3.16
CA SER A 368 29.65 -20.90 -1.91
C SER A 368 28.59 -20.00 -1.29
N HIS A 369 28.44 -20.09 0.03
CA HIS A 369 27.55 -19.20 0.74
C HIS A 369 27.88 -17.74 0.42
N ALA A 370 26.86 -16.92 0.29
CA ALA A 370 27.06 -15.49 0.16
C ALA A 370 28.05 -15.02 1.22
N PRO A 371 29.01 -14.15 0.86
CA PRO A 371 30.04 -13.74 1.81
C PRO A 371 29.47 -12.91 2.96
N LEU A 372 30.28 -12.83 4.02
CA LEU A 372 29.84 -12.19 5.25
C LEU A 372 29.50 -10.72 5.04
N TRP A 373 30.29 -10.02 4.22
CA TRP A 373 30.03 -8.60 3.98
C TRP A 373 28.69 -8.41 3.26
N LEU A 374 28.32 -9.35 2.39
CA LEU A 374 27.05 -9.23 1.66
C LEU A 374 25.88 -9.58 2.57
N MET A 375 26.08 -10.56 3.45
CA MET A 375 25.08 -10.85 4.48
C MET A 375 24.77 -9.61 5.29
N TYR A 376 25.80 -8.85 5.71
CA TYR A 376 25.50 -7.76 6.61
C TYR A 376 24.85 -6.61 5.85
N LEU A 377 25.22 -6.43 4.58
CA LEU A 377 24.53 -5.46 3.73
C LEU A 377 23.06 -5.83 3.50
N ALA A 378 22.78 -7.11 3.25
CA ALA A 378 21.39 -7.52 3.01
C ALA A 378 20.54 -7.45 4.26
N ILE A 379 21.12 -7.74 5.42
CA ILE A 379 20.39 -7.64 6.68
C ILE A 379 20.12 -6.17 6.99
N VAL A 380 21.14 -5.33 6.86
CA VAL A 380 21.00 -3.91 7.15
C VAL A 380 20.01 -3.26 6.20
N LEU A 381 20.03 -3.67 4.91
CA LEU A 381 19.10 -3.13 3.95
C LEU A 381 17.65 -3.44 4.32
N SER A 382 17.38 -4.67 4.75
CA SER A 382 16.02 -5.02 5.15
C SER A 382 15.56 -4.17 6.33
N HIS A 383 16.48 -3.84 7.24
CA HIS A 383 16.14 -3.02 8.39
C HIS A 383 15.88 -1.57 7.99
N THR A 384 16.59 -1.08 6.95
N THR A 384 16.59 -1.08 6.95
CA THR A 384 16.41 0.29 6.51
CA THR A 384 16.40 0.30 6.50
C THR A 384 15.00 0.56 5.98
C THR A 384 15.00 0.56 5.98
N ASN A 385 14.27 -0.49 5.58
CA ASN A 385 12.90 -0.31 5.13
C ASN A 385 12.03 0.30 6.22
N SER A 386 12.36 0.04 7.49
CA SER A 386 11.60 0.61 8.59
C SER A 386 11.87 2.09 8.79
N VAL A 387 12.80 2.68 8.02
CA VAL A 387 13.11 4.10 8.11
C VAL A 387 12.35 4.89 7.05
N VAL A 388 12.04 4.23 5.92
CA VAL A 388 11.77 4.99 4.70
C VAL A 388 10.34 5.52 4.61
N ASN A 389 9.35 4.80 5.15
CA ASN A 389 7.96 5.21 4.99
C ASN A 389 7.68 6.63 5.49
N PRO A 390 8.12 7.05 6.68
CA PRO A 390 7.87 8.45 7.09
C PRO A 390 8.33 9.48 6.07
N PHE A 391 9.42 9.20 5.35
CA PHE A 391 9.88 10.13 4.32
C PHE A 391 8.96 10.12 3.11
N ILE A 392 8.44 8.96 2.72
CA ILE A 392 7.53 8.89 1.59
C ILE A 392 6.25 9.68 1.90
N TYR A 393 5.73 9.54 3.12
CA TYR A 393 4.54 10.28 3.50
C TYR A 393 4.82 11.78 3.50
N ALA A 394 5.98 12.18 4.00
CA ALA A 394 6.32 13.59 4.08
C ALA A 394 6.46 14.22 2.70
N TYR A 395 7.10 13.50 1.77
CA TYR A 395 7.35 14.04 0.45
C TYR A 395 6.13 13.96 -0.48
N ARG A 396 5.20 13.06 -0.20
CA ARG A 396 4.12 12.78 -1.14
C ARG A 396 2.72 13.12 -0.63
N ILE A 397 2.54 13.34 0.66
CA ILE A 397 1.20 13.56 1.23
C ILE A 397 1.25 14.87 2.02
N ARG A 398 0.67 15.92 1.44
CA ARG A 398 0.70 17.25 2.05
C ARG A 398 0.19 17.23 3.48
N GLU A 399 -0.90 16.50 3.74
CA GLU A 399 -1.50 16.51 5.08
C GLU A 399 -0.54 15.93 6.11
N PHE A 400 0.25 14.91 5.72
CA PHE A 400 1.29 14.42 6.62
C PHE A 400 2.39 15.45 6.78
N ARG A 401 2.91 15.95 5.65
CA ARG A 401 4.02 16.90 5.67
C ARG A 401 3.69 18.12 6.54
N GLN A 402 2.46 18.62 6.44
CA GLN A 402 2.08 19.79 7.22
C GLN A 402 1.96 19.45 8.70
N THR A 403 1.45 18.25 9.01
CA THR A 403 1.33 17.83 10.40
C THR A 403 2.72 17.56 10.99
N PHE A 404 3.60 16.92 10.21
CA PHE A 404 4.99 16.76 10.65
C PHE A 404 5.61 18.11 11.00
N ARG A 405 5.41 19.12 10.16
N ARG A 405 5.41 19.12 10.16
CA ARG A 405 5.97 20.44 10.43
CA ARG A 405 5.95 20.44 10.43
C ARG A 405 5.44 21.00 11.75
C ARG A 405 5.44 20.99 11.76
N LYS A 406 4.12 20.88 11.99
CA LYS A 406 3.54 21.43 13.20
C LYS A 406 4.05 20.71 14.44
N ILE A 407 4.21 19.39 14.37
CA ILE A 407 4.74 18.64 15.51
C ILE A 407 6.17 19.07 15.79
N ILE A 408 7.00 19.14 14.75
CA ILE A 408 8.41 19.49 14.93
C ILE A 408 8.56 20.92 15.42
N ARG A 409 7.89 21.87 14.76
CA ARG A 409 7.99 23.27 15.17
C ARG A 409 7.55 23.45 16.62
N SER A 410 6.37 22.95 16.97
CA SER A 410 5.89 23.03 18.34
C SER A 410 6.68 22.09 19.24
#